data_3VHR
#
_entry.id   3VHR
#
_cell.length_a   66.060
_cell.length_b   105.010
_cell.length_c   131.530
_cell.angle_alpha   90.000
_cell.angle_beta   90.000
_cell.angle_gamma   90.000
#
_symmetry.space_group_name_H-M   'C 2 2 21'
#
loop_
_entity.id
_entity.type
_entity.pdbx_description
1 polymer 'Capsular polysaccharide synthesis enzyme Cap5F'
2 non-polymer 'ZINC ION'
3 non-polymer 'FORMIC ACID'
4 water water
#
_entity_poly.entity_id   1
_entity_poly.type   'polypeptide(L)'
_entity_poly.pdbx_seq_one_letter_code
;(MSE)NIVITGAKGFVGKNLKADLTSTTDHHIFEVHRQTKEEELESALLKADFIVHLAGVNRPEHDKEFSLGNVSYLDHV
LDILTRNTKKPAILLSSSIQATQDNPYGESKLQGEQLLREYAEEYGNTVYIYRWPNLFGKWCKPNYNSVIATFCYKIARN
EEIQVNDRNVELTLNYVDDIVAEIKRAIEGTPTIENGVPTVPNVFKVTLGEIVDLLYKFKQSRLDRTLPKLDNLFEKDLY
STYLSYLPSTDFSYPLL(MSE)NVDDRGSFTEFIKTPDRGQVSVNISKPGITKGNHWHHTKNEKFLVVSGKGVIRFRHVN
DDEIIEYYVSGDKLEVVDIPVGYTHNIENLGDTD(MSE)VTI(MSE)WVNE(MSE)FDPNQPDTYFLEV
;
_entity_poly.pdbx_strand_id   A
#
loop_
_chem_comp.id
_chem_comp.type
_chem_comp.name
_chem_comp.formula
FMT non-polymer 'FORMIC ACID' 'C H2 O2'
ZN non-polymer 'ZINC ION' 'Zn 2'
#
# COMPACT_ATOMS: atom_id res chain seq x y z
N MSE A 1 22.36 -16.39 -10.64
CA MSE A 1 23.13 -16.63 -9.38
C MSE A 1 22.38 -17.60 -8.49
O MSE A 1 21.14 -17.55 -8.41
CB MSE A 1 23.25 -15.32 -8.62
CG MSE A 1 24.67 -15.03 -8.17
SE MSE A 1 24.65 -13.63 -6.78
CE MSE A 1 26.29 -12.69 -7.38
N ASN A 2 23.10 -18.48 -7.82
CA ASN A 2 22.50 -19.32 -6.81
C ASN A 2 22.47 -18.60 -5.47
N ILE A 3 21.27 -18.30 -5.01
CA ILE A 3 21.08 -17.60 -3.74
C ILE A 3 20.34 -18.49 -2.75
N VAL A 4 20.92 -18.69 -1.56
CA VAL A 4 20.18 -19.41 -0.52
C VAL A 4 19.65 -18.44 0.51
N ILE A 5 18.49 -18.79 1.05
CA ILE A 5 17.81 -17.98 2.05
C ILE A 5 17.51 -18.86 3.24
N THR A 6 18.15 -18.58 4.35
CA THR A 6 17.88 -19.33 5.58
C THR A 6 16.69 -18.67 6.25
N GLY A 7 16.00 -19.38 7.14
CA GLY A 7 14.71 -18.89 7.68
C GLY A 7 13.76 -18.47 6.56
N ALA A 8 13.73 -19.25 5.49
CA ALA A 8 12.97 -18.93 4.29
C ALA A 8 11.48 -18.83 4.56
N LYS A 9 11.01 -19.55 5.58
CA LYS A 9 9.60 -19.53 5.96
C LYS A 9 9.17 -18.31 6.79
N GLY A 10 10.15 -17.56 7.32
CA GLY A 10 9.87 -16.37 8.10
C GLY A 10 9.23 -15.22 7.32
N PHE A 11 9.00 -14.12 8.02
CA PHE A 11 8.32 -12.94 7.46
C PHE A 11 9.10 -12.33 6.29
N VAL A 12 10.35 -11.90 6.53
CA VAL A 12 11.21 -11.35 5.48
C VAL A 12 11.42 -12.41 4.40
N GLY A 13 11.66 -13.65 4.83
CA GLY A 13 11.92 -14.76 3.92
C GLY A 13 10.94 -14.93 2.78
N LYS A 14 9.67 -15.09 3.14
CA LYS A 14 8.59 -15.17 2.17
C LYS A 14 8.53 -13.93 1.28
N ASN A 15 8.78 -12.76 1.85
CA ASN A 15 8.74 -11.51 1.07
C ASN A 15 9.86 -11.44 0.04
N LEU A 16 11.08 -11.64 0.51
CA LEU A 16 12.25 -11.72 -0.36
C LEU A 16 12.10 -12.78 -1.47
N LYS A 17 11.65 -13.97 -1.11
CA LYS A 17 11.53 -15.05 -2.06
C LYS A 17 10.55 -14.71 -3.17
N ALA A 18 9.36 -14.28 -2.78
CA ALA A 18 8.32 -13.89 -3.70
C ALA A 18 8.86 -12.84 -4.64
N ASP A 19 9.51 -11.83 -4.09
CA ASP A 19 10.10 -10.79 -4.90
C ASP A 19 11.23 -11.29 -5.83
N LEU A 20 12.13 -12.11 -5.29
CA LEU A 20 13.25 -12.60 -6.06
C LEU A 20 12.88 -13.53 -7.23
N THR A 21 11.86 -14.37 -7.05
CA THR A 21 11.42 -15.23 -8.15
C THR A 21 10.66 -14.45 -9.23
N SER A 22 10.13 -13.28 -8.86
CA SER A 22 9.28 -12.48 -9.76
C SER A 22 10.08 -11.48 -10.60
N THR A 23 11.22 -11.03 -10.10
CA THR A 23 11.93 -9.90 -10.69
C THR A 23 13.39 -10.15 -11.03
N THR A 24 13.88 -11.36 -10.83
CA THR A 24 15.23 -11.70 -11.25
C THR A 24 15.20 -13.10 -11.81
N ASP A 25 16.30 -13.50 -12.44
CA ASP A 25 16.44 -14.83 -13.01
C ASP A 25 17.32 -15.75 -12.14
N HIS A 26 17.63 -15.30 -10.92
CA HIS A 26 18.44 -16.07 -9.98
C HIS A 26 17.75 -17.32 -9.51
N HIS A 27 18.50 -18.39 -9.31
CA HIS A 27 17.94 -19.59 -8.70
C HIS A 27 17.92 -19.44 -7.21
N ILE A 28 16.73 -19.56 -6.65
CA ILE A 28 16.57 -19.38 -5.23
C ILE A 28 16.48 -20.72 -4.51
N PHE A 29 17.40 -20.94 -3.57
CA PHE A 29 17.39 -22.14 -2.76
C PHE A 29 16.89 -21.78 -1.36
N GLU A 30 15.67 -22.21 -1.04
CA GLU A 30 15.07 -21.91 0.26
C GLU A 30 15.45 -22.97 1.28
N VAL A 31 15.96 -22.56 2.44
CA VAL A 31 16.18 -23.50 3.53
C VAL A 31 15.46 -23.03 4.81
N HIS A 32 14.99 -23.98 5.60
CA HIS A 32 14.16 -23.69 6.77
C HIS A 32 14.36 -24.78 7.80
N ARG A 33 13.50 -24.80 8.82
CA ARG A 33 13.64 -25.76 9.91
C ARG A 33 13.46 -27.23 9.52
N GLN A 34 12.64 -27.53 8.52
CA GLN A 34 12.45 -28.94 8.13
C GLN A 34 13.31 -29.40 6.94
N THR A 35 14.31 -28.60 6.57
CA THR A 35 15.26 -28.96 5.52
C THR A 35 16.22 -30.03 6.01
N LYS A 36 16.32 -31.12 5.25
CA LYS A 36 17.25 -32.21 5.59
C LYS A 36 18.70 -31.74 5.47
N GLU A 37 19.57 -32.31 6.30
CA GLU A 37 20.99 -31.98 6.30
C GLU A 37 21.66 -32.14 4.92
N GLU A 38 21.32 -33.20 4.19
CA GLU A 38 21.81 -33.38 2.81
C GLU A 38 21.34 -32.27 1.84
N GLU A 39 20.16 -31.72 2.08
CA GLU A 39 19.66 -30.63 1.23
C GLU A 39 20.25 -29.27 1.62
N LEU A 40 20.51 -29.07 2.91
CA LEU A 40 21.18 -27.86 3.41
C LEU A 40 22.62 -27.78 2.90
N GLU A 41 23.33 -28.90 2.93
CA GLU A 41 24.75 -28.90 2.59
C GLU A 41 24.95 -28.66 1.10
N SER A 42 24.07 -29.30 0.32
CA SER A 42 24.09 -29.19 -1.13
C SER A 42 23.86 -27.74 -1.53
N ALA A 43 22.92 -27.08 -0.87
CA ALA A 43 22.61 -25.68 -1.16
C ALA A 43 23.78 -24.72 -0.89
N LEU A 44 24.35 -24.80 0.31
CA LEU A 44 25.40 -23.89 0.74
C LEU A 44 26.68 -24.10 -0.04
N LEU A 45 26.92 -25.35 -0.47
CA LEU A 45 28.09 -25.67 -1.28
C LEU A 45 28.03 -25.12 -2.71
N LYS A 46 26.82 -24.90 -3.24
CA LYS A 46 26.69 -24.34 -4.60
C LYS A 46 26.24 -22.89 -4.61
N ALA A 47 26.01 -22.34 -3.43
CA ALA A 47 25.58 -20.95 -3.28
C ALA A 47 26.61 -19.92 -3.76
N ASP A 48 26.09 -18.81 -4.27
CA ASP A 48 26.91 -17.65 -4.67
C ASP A 48 26.68 -16.51 -3.68
N PHE A 49 25.57 -16.59 -2.97
CA PHE A 49 25.14 -15.59 -2.01
C PHE A 49 24.23 -16.24 -0.96
N ILE A 50 24.42 -15.88 0.31
CA ILE A 50 23.61 -16.42 1.39
C ILE A 50 22.93 -15.30 2.16
N VAL A 51 21.61 -15.29 2.10
CA VAL A 51 20.82 -14.35 2.87
C VAL A 51 20.35 -15.05 4.16
N HIS A 52 20.99 -14.71 5.28
CA HIS A 52 20.74 -15.40 6.53
C HIS A 52 19.69 -14.73 7.38
N LEU A 53 18.49 -15.32 7.35
CA LEU A 53 17.33 -14.72 8.01
C LEU A 53 16.86 -15.49 9.25
N ALA A 54 17.37 -16.70 9.46
CA ALA A 54 16.85 -17.61 10.49
C ALA A 54 16.76 -16.96 11.89
N SER A 66 26.87 -24.18 27.98
CA SER A 66 27.04 -24.68 26.62
C SER A 66 27.91 -25.92 26.60
N LEU A 67 27.30 -27.03 26.26
CA LEU A 67 28.02 -28.26 26.25
C LEU A 67 28.22 -28.78 24.88
N GLY A 68 28.70 -27.98 23.97
CA GLY A 68 28.97 -28.56 22.66
C GLY A 68 28.03 -28.14 21.58
N ASN A 69 26.73 -28.13 21.88
CA ASN A 69 25.70 -27.62 20.97
C ASN A 69 26.19 -26.36 20.27
N VAL A 70 26.29 -26.41 18.94
CA VAL A 70 26.66 -25.28 18.12
C VAL A 70 25.37 -24.71 17.53
N SER A 71 25.30 -23.37 17.42
CA SER A 71 24.13 -22.67 16.87
C SER A 71 23.93 -23.05 15.41
N TYR A 72 22.71 -22.82 14.93
CA TYR A 72 22.39 -23.03 13.52
C TYR A 72 23.28 -22.16 12.66
N LEU A 73 23.45 -20.91 13.08
CA LEU A 73 24.31 -19.98 12.35
C LEU A 73 25.75 -20.50 12.18
N ASP A 74 26.34 -21.00 13.25
CA ASP A 74 27.72 -21.51 13.21
C ASP A 74 27.83 -22.76 12.37
N HIS A 75 26.75 -23.53 12.34
CA HIS A 75 26.68 -24.75 11.55
C HIS A 75 26.76 -24.37 10.11
N VAL A 76 25.94 -23.39 9.73
CA VAL A 76 25.92 -22.85 8.37
C VAL A 76 27.28 -22.28 7.94
N LEU A 77 27.98 -21.59 8.86
CA LEU A 77 29.29 -20.98 8.59
C LEU A 77 30.38 -22.02 8.42
N ASP A 78 30.27 -23.12 9.15
CA ASP A 78 31.25 -24.17 9.05
C ASP A 78 31.10 -24.93 7.72
N ILE A 79 29.87 -25.01 7.21
CA ILE A 79 29.62 -25.66 5.92
C ILE A 79 30.15 -24.79 4.78
N LEU A 80 29.83 -23.49 4.83
CA LEU A 80 30.34 -22.50 3.91
C LEU A 80 31.87 -22.44 3.86
N THR A 81 32.49 -22.85 4.96
CA THR A 81 33.92 -22.97 5.02
C THR A 81 34.46 -23.79 3.84
N ARG A 82 33.62 -24.70 3.34
CA ARG A 82 34.04 -25.61 2.26
C ARG A 82 33.54 -25.22 0.86
N ASN A 83 32.86 -24.07 0.77
CA ASN A 83 32.47 -23.50 -0.52
C ASN A 83 33.62 -22.70 -1.14
N THR A 84 34.21 -23.26 -2.19
CA THR A 84 35.41 -22.71 -2.86
C THR A 84 35.26 -21.29 -3.35
N LYS A 85 34.02 -20.89 -3.60
CA LYS A 85 33.71 -19.66 -4.31
C LYS A 85 33.61 -18.44 -3.41
N LYS A 86 33.96 -18.60 -2.13
CA LYS A 86 33.91 -17.51 -1.16
C LYS A 86 32.68 -16.58 -1.29
N PRO A 87 31.47 -17.19 -1.27
CA PRO A 87 30.21 -16.44 -1.49
C PRO A 87 29.94 -15.39 -0.42
N ALA A 88 29.23 -14.34 -0.81
CA ALA A 88 28.88 -13.27 0.12
C ALA A 88 27.76 -13.67 1.09
N ILE A 89 27.85 -13.16 2.31
CA ILE A 89 26.86 -13.45 3.37
C ILE A 89 26.24 -12.17 3.91
N LEU A 90 24.91 -12.12 3.94
CA LEU A 90 24.11 -10.99 4.46
C LEU A 90 23.33 -11.44 5.70
N LEU A 91 23.28 -10.62 6.75
CA LEU A 91 22.44 -10.88 7.95
C LEU A 91 22.20 -9.62 8.82
N SER A 92 21.31 -9.72 9.81
CA SER A 92 21.10 -8.66 10.81
C SER A 92 21.56 -9.05 12.22
N SER A 93 22.22 -8.12 12.91
CA SER A 93 22.79 -8.33 14.25
C SER A 93 21.78 -8.39 15.40
N SER A 94 20.58 -7.89 15.16
CA SER A 94 19.44 -7.86 16.09
C SER A 94 18.54 -6.73 15.64
N GLY A 110 26.31 -10.74 18.33
CA GLY A 110 27.67 -11.29 18.34
C GLY A 110 28.40 -10.98 17.05
N GLU A 111 28.68 -9.69 16.83
CA GLU A 111 29.28 -9.19 15.59
C GLU A 111 30.78 -9.51 15.42
N GLN A 112 31.57 -9.23 16.45
CA GLN A 112 33.03 -9.49 16.43
C GLN A 112 33.41 -10.89 15.91
N LEU A 113 32.55 -11.89 16.17
CA LEU A 113 32.72 -13.27 15.67
C LEU A 113 32.65 -13.38 14.15
N LEU A 114 31.69 -12.64 13.56
CA LEU A 114 31.49 -12.58 12.12
C LEU A 114 32.61 -11.86 11.39
N ARG A 115 33.11 -10.78 11.99
CA ARG A 115 34.25 -10.04 11.46
C ARG A 115 35.46 -10.97 11.33
N GLU A 116 35.65 -11.81 12.34
CA GLU A 116 36.79 -12.72 12.38
C GLU A 116 36.64 -13.84 11.34
N TYR A 117 35.40 -14.23 11.07
CA TYR A 117 35.11 -15.24 10.07
C TYR A 117 35.43 -14.73 8.66
N ALA A 118 35.10 -13.46 8.40
CA ALA A 118 35.37 -12.82 7.11
C ALA A 118 36.87 -12.68 6.88
N GLU A 119 37.59 -12.26 7.92
CA GLU A 119 39.04 -12.10 7.86
C GLU A 119 39.74 -13.40 7.48
N GLU A 120 39.33 -14.49 8.12
CA GLU A 120 40.02 -15.73 7.92
C GLU A 120 39.65 -16.47 6.64
N TYR A 121 38.39 -16.43 6.23
CA TYR A 121 37.92 -17.20 5.08
C TYR A 121 37.68 -16.39 3.80
N GLY A 122 37.65 -15.07 3.91
CA GLY A 122 37.65 -14.20 2.73
C GLY A 122 36.33 -13.63 2.26
N ASN A 123 35.21 -14.19 2.73
CA ASN A 123 33.89 -13.74 2.29
C ASN A 123 33.59 -12.30 2.67
N THR A 124 33.04 -11.53 1.72
CA THR A 124 32.38 -10.28 2.10
C THR A 124 31.10 -10.64 2.85
N VAL A 125 31.03 -10.22 4.10
CA VAL A 125 29.85 -10.43 4.93
C VAL A 125 29.23 -9.10 5.37
N TYR A 126 28.09 -8.75 4.79
CA TYR A 126 27.39 -7.51 5.12
C TYR A 126 26.62 -7.66 6.44
N ILE A 127 26.98 -6.87 7.46
CA ILE A 127 26.30 -6.95 8.75
C ILE A 127 25.36 -5.75 8.98
N TYR A 128 24.05 -6.03 8.97
CA TYR A 128 23.02 -5.02 9.23
C TYR A 128 22.54 -5.07 10.67
N ARG A 129 21.94 -3.98 11.13
CA ARG A 129 21.30 -3.96 12.43
C ARG A 129 19.88 -3.47 12.24
N TRP A 130 18.98 -4.36 11.83
CA TRP A 130 17.59 -3.97 11.59
C TRP A 130 16.85 -3.60 12.84
N PRO A 131 16.02 -2.54 12.77
CA PRO A 131 15.09 -2.22 13.85
C PRO A 131 13.89 -3.15 13.74
N ASN A 132 12.81 -2.89 14.48
CA ASN A 132 11.59 -3.67 14.29
C ASN A 132 11.03 -3.53 12.88
N LEU A 133 10.32 -4.56 12.43
CA LEU A 133 9.82 -4.58 11.06
C LEU A 133 8.29 -4.58 11.01
N PHE A 134 7.73 -4.16 9.87
CA PHE A 134 6.31 -4.38 9.58
C PHE A 134 6.06 -4.57 8.08
N GLY A 135 4.91 -5.14 7.74
CA GLY A 135 4.54 -5.35 6.35
C GLY A 135 3.68 -6.58 6.24
N LYS A 136 3.25 -6.92 5.03
CA LYS A 136 2.40 -8.09 4.84
C LYS A 136 3.07 -9.41 5.26
N TRP A 137 2.25 -10.37 5.68
CA TRP A 137 2.71 -11.74 5.98
C TRP A 137 3.43 -11.94 7.29
N CYS A 138 3.55 -10.89 8.10
CA CYS A 138 4.07 -11.01 9.46
C CYS A 138 2.98 -11.64 10.29
N LYS A 139 3.35 -12.45 11.28
CA LYS A 139 2.38 -13.25 12.05
C LYS A 139 1.64 -12.42 13.10
N PRO A 140 0.31 -12.46 13.08
CA PRO A 140 -0.46 -11.80 14.13
C PRO A 140 -0.54 -12.62 15.43
N ASN A 141 -0.56 -11.93 16.56
CA ASN A 141 -0.59 -12.56 17.89
C ASN A 141 0.68 -13.34 18.25
N TYR A 142 1.77 -13.13 17.50
CA TYR A 142 3.08 -13.66 17.89
C TYR A 142 4.00 -12.45 18.04
N ASN A 143 3.81 -11.68 19.10
CA ASN A 143 4.74 -10.59 19.47
C ASN A 143 5.35 -9.71 18.34
N SER A 144 4.57 -9.40 17.31
CA SER A 144 4.80 -8.22 16.50
C SER A 144 3.56 -7.38 16.69
N VAL A 145 3.70 -6.30 17.44
CA VAL A 145 2.55 -5.52 17.89
C VAL A 145 1.75 -4.88 16.74
N ILE A 146 2.42 -4.41 15.69
CA ILE A 146 1.70 -3.88 14.54
C ILE A 146 0.84 -4.94 13.84
N ALA A 147 1.42 -6.10 13.55
CA ALA A 147 0.66 -7.21 12.95
C ALA A 147 -0.62 -7.50 13.74
N THR A 148 -0.46 -7.69 15.05
CA THR A 148 -1.59 -7.95 15.95
C THR A 148 -2.68 -6.88 15.82
N PHE A 149 -2.29 -5.59 15.85
CA PHE A 149 -3.29 -4.51 15.77
C PHE A 149 -4.09 -4.50 14.46
N CYS A 150 -3.41 -4.62 13.32
CA CYS A 150 -4.10 -4.69 12.03
C CYS A 150 -5.14 -5.81 12.01
N TYR A 151 -4.67 -7.01 12.34
CA TYR A 151 -5.50 -8.20 12.39
C TYR A 151 -6.75 -8.02 13.26
N LYS A 152 -6.56 -7.45 14.45
CA LYS A 152 -7.66 -7.32 15.41
C LYS A 152 -8.65 -6.23 15.01
N ILE A 153 -8.12 -5.12 14.50
CA ILE A 153 -8.94 -3.96 14.19
C ILE A 153 -9.82 -4.26 12.97
N ALA A 154 -9.31 -5.12 12.09
CA ALA A 154 -10.02 -5.44 10.86
C ALA A 154 -11.16 -6.38 11.17
N ARG A 155 -11.07 -7.02 12.33
CA ARG A 155 -12.05 -8.01 12.78
C ARG A 155 -12.87 -7.54 13.97
N ASN A 156 -12.79 -6.24 14.25
CA ASN A 156 -13.53 -5.65 15.38
C ASN A 156 -13.21 -6.30 16.72
N GLU A 157 -11.93 -6.50 17.01
CA GLU A 157 -11.52 -7.14 18.24
C GLU A 157 -10.87 -6.16 19.22
N GLU A 158 -11.31 -6.19 20.47
CA GLU A 158 -10.67 -5.45 21.56
C GLU A 158 -9.14 -5.51 21.50
N ILE A 159 -8.48 -4.36 21.35
CA ILE A 159 -7.01 -4.33 21.40
C ILE A 159 -6.45 -3.80 22.71
N GLN A 160 -5.21 -4.17 23.01
CA GLN A 160 -4.53 -3.74 24.23
C GLN A 160 -3.46 -2.69 23.91
N VAL A 161 -3.66 -1.48 24.44
CA VAL A 161 -2.70 -0.41 24.25
C VAL A 161 -2.10 -0.04 25.58
N ASN A 162 -0.96 -0.66 25.86
CA ASN A 162 -0.29 -0.47 27.15
C ASN A 162 0.20 0.96 27.39
N ASP A 163 0.72 1.61 26.34
CA ASP A 163 1.27 2.98 26.42
C ASP A 163 1.31 3.59 25.01
N ARG A 164 0.44 4.56 24.78
CA ARG A 164 0.36 5.26 23.48
C ARG A 164 1.59 6.09 23.13
N ASN A 165 2.41 6.42 24.14
CA ASN A 165 3.53 7.32 23.96
C ASN A 165 4.86 6.64 23.70
N VAL A 166 4.85 5.33 23.43
CA VAL A 166 6.07 4.55 23.18
C VAL A 166 6.59 4.77 21.75
N GLU A 167 7.82 5.25 21.65
CA GLU A 167 8.52 5.50 20.39
C GLU A 167 8.94 4.18 19.73
N LEU A 168 8.50 3.98 18.49
CA LEU A 168 8.92 2.81 17.71
C LEU A 168 9.94 3.17 16.61
N THR A 169 10.92 2.28 16.41
CA THR A 169 11.88 2.44 15.32
C THR A 169 11.64 1.29 14.34
N LEU A 170 11.21 1.64 13.13
CA LEU A 170 10.65 0.69 12.18
C LEU A 170 11.26 0.78 10.79
N ASN A 171 11.43 -0.35 10.14
CA ASN A 171 11.66 -0.40 8.69
C ASN A 171 10.50 -1.12 8.05
N TYR A 172 9.99 -0.61 6.95
CA TYR A 172 8.98 -1.34 6.18
C TYR A 172 9.64 -2.52 5.45
N VAL A 173 8.88 -3.59 5.25
CA VAL A 173 9.41 -4.79 4.58
C VAL A 173 9.96 -4.53 3.17
N ASP A 174 9.38 -3.58 2.44
CA ASP A 174 9.82 -3.29 1.09
C ASP A 174 11.23 -2.72 1.05
N ASP A 175 11.59 -1.97 2.10
CA ASP A 175 12.91 -1.37 2.20
C ASP A 175 13.94 -2.47 2.48
N ILE A 176 13.61 -3.34 3.41
CA ILE A 176 14.44 -4.50 3.73
C ILE A 176 14.73 -5.27 2.44
N VAL A 177 13.66 -5.71 1.76
CA VAL A 177 13.77 -6.44 0.50
C VAL A 177 14.58 -5.66 -0.55
N ALA A 178 14.29 -4.38 -0.75
CA ALA A 178 15.01 -3.58 -1.73
C ALA A 178 16.49 -3.41 -1.38
N GLU A 179 16.78 -3.32 -0.08
CA GLU A 179 18.15 -3.17 0.40
C GLU A 179 18.95 -4.43 0.17
N ILE A 180 18.30 -5.58 0.39
CA ILE A 180 18.94 -6.89 0.20
C ILE A 180 19.35 -7.10 -1.25
N LYS A 181 18.51 -6.65 -2.17
CA LYS A 181 18.81 -6.71 -3.60
C LYS A 181 19.97 -5.80 -4.03
N ARG A 182 20.10 -4.65 -3.37
CA ARG A 182 21.24 -3.77 -3.59
C ARG A 182 22.49 -4.48 -3.12
N ALA A 183 22.35 -5.27 -2.06
CA ALA A 183 23.48 -5.99 -1.52
C ALA A 183 23.87 -7.15 -2.44
N ILE A 184 22.87 -7.87 -2.96
CA ILE A 184 23.09 -8.97 -3.91
C ILE A 184 23.92 -8.53 -5.13
N GLU A 185 23.81 -7.26 -5.52
CA GLU A 185 24.57 -6.72 -6.65
C GLU A 185 25.80 -5.93 -6.24
N GLY A 186 26.23 -6.12 -5.00
CA GLY A 186 27.48 -5.54 -4.52
C GLY A 186 27.43 -4.06 -4.20
N THR A 187 26.23 -3.47 -4.20
CA THR A 187 26.12 -2.04 -3.89
C THR A 187 25.14 -1.74 -2.72
N PRO A 188 25.53 -2.12 -1.47
CA PRO A 188 24.66 -1.85 -0.32
C PRO A 188 24.81 -0.44 0.22
N THR A 189 23.71 0.10 0.77
CA THR A 189 23.70 1.43 1.39
C THR A 189 24.51 1.41 2.68
N ILE A 190 25.55 2.24 2.74
CA ILE A 190 26.42 2.33 3.89
C ILE A 190 26.19 3.65 4.60
N GLU A 191 25.96 3.58 5.91
CA GLU A 191 25.81 4.78 6.72
C GLU A 191 26.69 4.71 7.94
N ASN A 192 27.80 5.45 7.86
CA ASN A 192 28.79 5.55 8.92
C ASN A 192 29.36 4.20 9.28
N GLY A 193 30.03 3.58 8.30
CA GLY A 193 30.73 2.31 8.52
C GLY A 193 29.86 1.06 8.37
N VAL A 194 28.57 1.17 8.65
CA VAL A 194 27.68 0.00 8.62
C VAL A 194 26.71 0.03 7.45
N PRO A 195 26.39 -1.16 6.91
CA PRO A 195 25.27 -1.26 5.96
C PRO A 195 23.97 -0.95 6.68
N THR A 196 23.21 -0.03 6.11
CA THR A 196 22.00 0.47 6.76
C THR A 196 20.82 0.53 5.80
N VAL A 197 19.69 -0.05 6.19
CA VAL A 197 18.51 0.03 5.35
C VAL A 197 17.98 1.44 5.50
N PRO A 198 17.66 2.09 4.35
CA PRO A 198 17.10 3.46 4.38
C PRO A 198 15.64 3.49 4.81
N ASN A 199 15.10 4.70 4.99
CA ASN A 199 13.69 4.96 5.32
C ASN A 199 13.21 4.41 6.64
N VAL A 200 14.03 4.48 7.69
CA VAL A 200 13.56 4.07 9.01
C VAL A 200 12.56 5.10 9.53
N PHE A 201 11.57 4.63 10.28
CA PHE A 201 10.51 5.48 10.80
C PHE A 201 10.56 5.57 12.32
N LYS A 202 10.15 6.71 12.83
CA LYS A 202 9.97 6.89 14.26
C LYS A 202 8.57 7.43 14.49
N VAL A 203 7.69 6.55 14.96
CA VAL A 203 6.31 6.90 15.22
C VAL A 203 5.93 6.30 16.57
N THR A 204 5.09 7.00 17.33
CA THR A 204 4.62 6.44 18.60
C THR A 204 3.46 5.47 18.36
N LEU A 205 3.18 4.65 19.36
CA LEU A 205 2.13 3.65 19.28
C LEU A 205 0.74 4.27 19.08
N GLY A 206 0.50 5.40 19.74
CA GLY A 206 -0.76 6.12 19.61
C GLY A 206 -1.02 6.53 18.18
N GLU A 207 0.02 7.01 17.49
CA GLU A 207 -0.14 7.42 16.11
C GLU A 207 -0.54 6.22 15.24
N ILE A 208 0.11 5.09 15.48
CA ILE A 208 -0.21 3.83 14.79
C ILE A 208 -1.66 3.43 14.98
N VAL A 209 -2.08 3.27 16.23
CA VAL A 209 -3.47 2.88 16.51
C VAL A 209 -4.46 3.84 15.87
N ASP A 210 -4.25 5.15 16.01
CA ASP A 210 -5.14 6.16 15.42
C ASP A 210 -5.23 5.99 13.90
N LEU A 211 -4.08 5.76 13.25
CA LEU A 211 -4.04 5.51 11.83
C LEU A 211 -4.89 4.29 11.49
N LEU A 212 -4.67 3.20 12.21
CA LEU A 212 -5.37 1.94 11.96
C LEU A 212 -6.90 2.08 12.04
N TYR A 213 -7.41 2.65 13.14
CA TYR A 213 -8.85 2.93 13.28
C TYR A 213 -9.37 3.87 12.20
N LYS A 214 -8.54 4.84 11.79
CA LYS A 214 -8.93 5.76 10.73
C LYS A 214 -9.14 5.03 9.40
N PHE A 215 -8.28 4.05 9.11
CA PHE A 215 -8.36 3.27 7.86
C PHE A 215 -9.64 2.47 7.84
N LYS A 216 -10.02 1.92 9.00
CA LYS A 216 -11.26 1.17 9.12
C LYS A 216 -12.48 2.06 9.02
N GLN A 217 -12.39 3.27 9.57
CA GLN A 217 -13.49 4.24 9.50
C GLN A 217 -13.74 4.70 8.08
N SER A 218 -12.72 4.62 7.24
CA SER A 218 -12.79 5.16 5.89
C SER A 218 -13.68 4.38 4.96
N ARG A 219 -14.03 3.16 5.34
CA ARG A 219 -15.06 2.41 4.62
C ARG A 219 -16.40 3.10 4.82
N LEU A 220 -16.58 3.74 5.97
CA LEU A 220 -17.86 4.38 6.29
C LEU A 220 -17.96 5.81 5.77
N ASP A 221 -16.86 6.56 5.80
CA ASP A 221 -16.92 7.97 5.42
C ASP A 221 -16.30 8.29 4.06
N ARG A 222 -15.82 7.26 3.35
CA ARG A 222 -15.29 7.35 1.99
C ARG A 222 -14.04 8.22 1.87
N THR A 223 -13.38 8.50 2.99
CA THR A 223 -12.15 9.28 2.95
C THR A 223 -10.96 8.37 2.64
N LEU A 224 -9.85 8.99 2.26
CA LEU A 224 -8.65 8.29 1.85
C LEU A 224 -7.51 8.66 2.80
N PRO A 225 -6.42 7.85 2.84
CA PRO A 225 -5.27 8.14 3.69
C PRO A 225 -4.41 9.25 3.08
N LYS A 226 -3.47 9.81 3.85
CA LYS A 226 -2.52 10.79 3.33
C LYS A 226 -1.35 10.06 2.69
N LEU A 227 -1.47 9.79 1.39
CA LEU A 227 -0.52 8.94 0.68
C LEU A 227 0.89 9.53 0.42
N ASP A 228 1.10 10.79 0.72
CA ASP A 228 2.44 11.37 0.58
C ASP A 228 3.20 11.29 1.90
N ASN A 229 2.54 10.79 2.94
CA ASN A 229 3.22 10.35 4.15
C ASN A 229 3.70 8.90 3.99
N LEU A 230 4.99 8.74 3.78
CA LEU A 230 5.56 7.42 3.52
C LEU A 230 5.18 6.36 4.57
N PHE A 231 5.26 6.71 5.86
CA PHE A 231 4.88 5.73 6.88
C PHE A 231 3.43 5.31 6.70
N GLU A 232 2.55 6.31 6.59
CA GLU A 232 1.12 6.08 6.51
C GLU A 232 0.74 5.25 5.31
N LYS A 233 1.34 5.53 4.16
CA LYS A 233 1.08 4.77 2.94
C LYS A 233 1.56 3.34 3.12
N ASP A 234 2.74 3.18 3.72
CA ASP A 234 3.24 1.85 4.03
C ASP A 234 2.32 1.13 5.02
N LEU A 235 1.79 1.86 5.99
CA LEU A 235 0.96 1.25 7.03
C LEU A 235 -0.38 0.82 6.44
N TYR A 236 -0.90 1.62 5.51
CA TYR A 236 -2.19 1.36 4.89
C TYR A 236 -2.15 0.09 4.06
N SER A 237 -1.09 -0.07 3.27
CA SER A 237 -0.91 -1.30 2.54
C SER A 237 -0.78 -2.47 3.49
N THR A 238 -0.04 -2.33 4.58
CA THR A 238 0.11 -3.50 5.41
C THR A 238 -1.22 -3.88 6.08
N TYR A 239 -2.00 -2.88 6.47
CA TYR A 239 -3.30 -3.12 7.11
C TYR A 239 -4.25 -3.89 6.19
N LEU A 240 -4.29 -3.50 4.92
CA LEU A 240 -5.18 -4.14 3.96
C LEU A 240 -4.88 -5.61 3.89
N SER A 241 -3.61 -5.97 3.95
CA SER A 241 -3.16 -7.36 3.81
C SER A 241 -3.72 -8.29 4.89
N TYR A 242 -4.23 -7.72 6.00
CA TYR A 242 -4.79 -8.48 7.12
C TYR A 242 -6.31 -8.64 7.13
N LEU A 243 -6.97 -8.07 6.11
CA LEU A 243 -8.41 -8.18 5.97
C LEU A 243 -8.85 -9.64 5.81
N PRO A 244 -9.94 -10.07 6.48
CA PRO A 244 -10.44 -11.40 6.15
C PRO A 244 -10.79 -11.48 4.66
N SER A 245 -10.56 -12.64 4.05
CA SER A 245 -10.81 -12.84 2.61
C SER A 245 -12.28 -12.62 2.17
N THR A 246 -13.21 -12.71 3.12
CA THR A 246 -14.63 -12.48 2.84
C THR A 246 -14.99 -11.00 2.92
N ASP A 247 -14.00 -10.18 3.19
CA ASP A 247 -14.22 -8.83 3.68
C ASP A 247 -13.52 -7.74 2.86
N PHE A 248 -13.30 -8.00 1.58
CA PHE A 248 -12.57 -7.06 0.73
C PHE A 248 -13.42 -5.90 0.22
N SER A 249 -14.73 -6.06 0.26
CA SER A 249 -15.63 -5.08 -0.32
C SER A 249 -16.55 -4.47 0.72
N TYR A 250 -17.03 -3.27 0.43
CA TYR A 250 -17.93 -2.58 1.34
C TYR A 250 -19.00 -1.88 0.55
N PRO A 251 -20.23 -1.85 1.06
CA PRO A 251 -21.29 -1.23 0.29
C PRO A 251 -21.16 0.29 0.28
N LEU A 252 -21.61 0.89 -0.81
CA LEU A 252 -21.72 2.33 -0.96
C LEU A 252 -23.18 2.72 -0.77
N LEU A 253 -23.43 3.95 -0.34
CA LEU A 253 -24.80 4.45 -0.21
C LEU A 253 -25.31 5.06 -1.52
N MSE A 254 -26.14 4.29 -2.23
CA MSE A 254 -26.77 4.72 -3.47
C MSE A 254 -28.01 5.51 -3.11
O MSE A 254 -28.82 5.06 -2.31
CB MSE A 254 -27.19 3.50 -4.29
CG MSE A 254 -26.07 2.83 -5.10
SE MSE A 254 -26.73 1.21 -6.07
CE MSE A 254 -27.24 2.21 -7.69
N ASN A 255 -28.17 6.72 -3.64
CA ASN A 255 -29.39 7.49 -3.43
C ASN A 255 -30.29 7.33 -4.64
N VAL A 256 -31.19 6.35 -4.54
CA VAL A 256 -31.98 5.87 -5.65
C VAL A 256 -33.37 6.48 -5.63
N ASP A 257 -33.86 6.81 -6.83
CA ASP A 257 -35.25 7.18 -7.05
C ASP A 257 -35.61 6.82 -8.49
N ASP A 258 -36.75 7.31 -8.94
CA ASP A 258 -37.27 6.98 -10.25
C ASP A 258 -36.51 7.63 -11.42
N ARG A 259 -35.64 8.59 -11.10
CA ARG A 259 -34.87 9.31 -12.13
C ARG A 259 -33.49 8.68 -12.34
N GLY A 260 -33.00 7.99 -11.32
CA GLY A 260 -31.75 7.25 -11.39
C GLY A 260 -31.17 7.02 -10.01
N SER A 261 -29.91 7.38 -9.82
CA SER A 261 -29.17 7.18 -8.57
C SER A 261 -27.96 8.10 -8.49
N PHE A 262 -27.63 8.52 -7.27
CA PHE A 262 -26.41 9.28 -7.02
C PHE A 262 -25.66 8.70 -5.84
N THR A 263 -24.40 8.38 -6.05
CA THR A 263 -23.62 7.62 -5.07
C THR A 263 -22.26 8.28 -4.88
N GLU A 264 -21.91 8.59 -3.63
CA GLU A 264 -20.54 9.01 -3.29
C GLU A 264 -19.58 7.83 -3.26
N PHE A 265 -18.34 8.05 -3.69
CA PHE A 265 -17.32 7.00 -3.79
C PHE A 265 -16.10 7.30 -2.91
N ILE A 266 -15.36 8.37 -3.25
CA ILE A 266 -14.25 8.85 -2.42
C ILE A 266 -14.35 10.36 -2.11
N LYS A 267 -13.99 10.73 -0.87
CA LYS A 267 -13.98 12.14 -0.39
C LYS A 267 -12.61 12.54 0.16
N THR A 268 -12.19 13.77 -0.09
CA THR A 268 -10.92 14.26 0.50
C THR A 268 -11.01 15.73 0.82
N PRO A 269 -10.34 16.17 1.91
CA PRO A 269 -10.39 17.60 2.27
C PRO A 269 -9.49 18.50 1.43
N ASP A 270 -8.68 17.93 0.53
CA ASP A 270 -7.67 18.67 -0.22
C ASP A 270 -7.60 18.40 -1.73
N ARG A 271 -8.26 17.33 -2.19
CA ARG A 271 -8.33 17.04 -3.62
C ARG A 271 -9.77 16.79 -4.09
N GLY A 272 -10.75 17.28 -3.33
CA GLY A 272 -12.15 17.15 -3.69
C GLY A 272 -12.69 15.75 -3.57
N GLN A 273 -13.78 15.47 -4.26
CA GLN A 273 -14.42 14.17 -4.16
C GLN A 273 -14.98 13.67 -5.48
N VAL A 274 -15.05 12.35 -5.63
CA VAL A 274 -15.69 11.77 -6.80
C VAL A 274 -16.91 10.91 -6.48
N SER A 275 -17.92 11.04 -7.33
CA SER A 275 -19.21 10.38 -7.13
C SER A 275 -19.73 9.84 -8.46
N VAL A 276 -20.78 9.04 -8.38
CA VAL A 276 -21.37 8.44 -9.58
C VAL A 276 -22.82 8.85 -9.73
N ASN A 277 -23.11 9.50 -10.84
CA ASN A 277 -24.47 9.81 -11.22
C ASN A 277 -24.94 8.86 -12.30
N ILE A 278 -26.09 8.22 -12.06
CA ILE A 278 -26.74 7.39 -13.08
C ILE A 278 -28.11 8.00 -13.43
N SER A 279 -28.23 8.44 -14.69
CA SER A 279 -29.48 8.97 -15.26
C SER A 279 -30.12 7.95 -16.20
N LYS A 280 -31.41 7.66 -15.99
CA LYS A 280 -32.19 6.80 -16.90
C LYS A 280 -32.47 7.56 -18.22
N PRO A 281 -32.94 6.85 -19.28
CA PRO A 281 -33.16 7.51 -20.59
C PRO A 281 -34.17 8.67 -20.56
N GLY A 282 -33.78 9.81 -21.11
CA GLY A 282 -34.67 10.98 -21.17
C GLY A 282 -34.68 11.84 -19.91
N ILE A 283 -33.79 11.54 -18.97
CA ILE A 283 -33.71 12.28 -17.70
C ILE A 283 -32.77 13.49 -17.78
N THR A 284 -33.23 14.63 -17.26
CA THR A 284 -32.41 15.84 -17.09
C THR A 284 -32.23 16.12 -15.61
N LYS A 285 -30.99 16.37 -15.21
CA LYS A 285 -30.67 16.73 -13.83
C LYS A 285 -29.83 17.99 -13.85
N GLY A 286 -29.83 18.73 -12.75
CA GLY A 286 -29.01 19.92 -12.65
C GLY A 286 -29.85 21.16 -12.64
N ASN A 287 -29.66 22.02 -13.65
CA ASN A 287 -30.29 23.34 -13.70
C ASN A 287 -29.95 24.19 -12.49
N HIS A 288 -28.70 24.16 -12.06
CA HIS A 288 -28.24 25.04 -10.99
C HIS A 288 -26.93 25.73 -11.30
N TRP A 289 -26.57 26.73 -10.52
CA TRP A 289 -25.24 27.31 -10.65
C TRP A 289 -24.58 27.42 -9.30
N HIS A 290 -23.26 27.61 -9.31
CA HIS A 290 -22.49 27.69 -8.09
C HIS A 290 -21.68 28.95 -8.07
N HIS A 291 -21.37 29.45 -6.88
CA HIS A 291 -20.43 30.56 -6.74
C HIS A 291 -19.02 30.10 -6.90
N THR A 292 -18.64 29.08 -6.12
CA THR A 292 -17.26 28.66 -5.99
C THR A 292 -17.08 27.16 -6.19
N LYS A 293 -18.12 26.39 -5.93
CA LYS A 293 -18.10 24.97 -6.22
C LYS A 293 -17.93 24.78 -7.73
N ASN A 294 -17.03 23.88 -8.12
CA ASN A 294 -16.96 23.51 -9.53
C ASN A 294 -16.74 22.03 -9.71
N GLU A 295 -17.00 21.54 -10.91
CA GLU A 295 -17.03 20.11 -11.14
C GLU A 295 -16.29 19.69 -12.41
N LYS A 296 -16.09 18.39 -12.53
CA LYS A 296 -15.60 17.77 -13.74
C LYS A 296 -16.51 16.58 -14.04
N PHE A 297 -17.15 16.62 -15.20
CA PHE A 297 -18.05 15.53 -15.59
C PHE A 297 -17.39 14.60 -16.61
N LEU A 298 -17.37 13.32 -16.26
CA LEU A 298 -16.89 12.29 -17.19
C LEU A 298 -17.98 11.28 -17.47
N VAL A 299 -18.64 11.40 -18.63
CA VAL A 299 -19.59 10.38 -19.08
C VAL A 299 -18.81 9.14 -19.53
N VAL A 300 -19.00 8.04 -18.80
CA VAL A 300 -18.27 6.80 -19.07
C VAL A 300 -19.13 5.72 -19.71
N SER A 301 -20.44 5.95 -19.76
CA SER A 301 -21.36 5.02 -20.40
C SER A 301 -22.65 5.75 -20.76
N GLY A 302 -23.25 5.35 -21.88
CA GLY A 302 -24.44 6.01 -22.41
C GLY A 302 -24.07 7.23 -23.23
N LYS A 303 -25.06 8.04 -23.58
CA LYS A 303 -24.82 9.27 -24.36
C LYS A 303 -25.82 10.37 -24.00
N GLY A 304 -25.33 11.61 -24.00
CA GLY A 304 -26.22 12.75 -23.74
C GLY A 304 -25.58 14.09 -23.95
N VAL A 305 -26.14 15.10 -23.27
CA VAL A 305 -25.67 16.48 -23.43
C VAL A 305 -25.52 17.19 -22.07
N ILE A 306 -24.40 17.91 -21.89
CA ILE A 306 -24.20 18.82 -20.75
C ILE A 306 -24.38 20.25 -21.25
N ARG A 307 -25.32 20.99 -20.65
CA ARG A 307 -25.66 22.35 -21.10
C ARG A 307 -25.27 23.45 -20.11
N PHE A 308 -24.87 24.60 -20.64
CA PHE A 308 -24.43 25.75 -19.84
C PHE A 308 -25.08 27.07 -20.30
N ARG A 309 -25.53 27.88 -19.35
CA ARG A 309 -25.89 29.25 -19.64
C ARG A 309 -25.29 30.13 -18.56
N HIS A 310 -24.53 31.14 -18.98
CA HIS A 310 -24.05 32.15 -18.05
C HIS A 310 -25.24 32.80 -17.37
N VAL A 311 -25.17 32.92 -16.05
CA VAL A 311 -26.26 33.48 -15.23
C VAL A 311 -26.84 34.80 -15.77
N ASN A 312 -26.00 35.65 -16.35
CA ASN A 312 -26.41 36.97 -16.82
C ASN A 312 -26.54 37.07 -18.36
N ASP A 313 -27.04 36.01 -18.98
CA ASP A 313 -26.83 35.82 -20.40
C ASP A 313 -27.94 35.01 -21.02
N ASP A 314 -28.10 35.17 -22.33
CA ASP A 314 -29.07 34.44 -23.16
C ASP A 314 -28.58 33.07 -23.65
N GLU A 315 -27.29 32.98 -23.98
CA GLU A 315 -26.76 31.87 -24.77
C GLU A 315 -26.67 30.54 -24.04
N ILE A 316 -27.27 29.52 -24.63
CA ILE A 316 -27.14 28.13 -24.17
C ILE A 316 -26.05 27.42 -24.98
N ILE A 317 -25.05 26.90 -24.28
CA ILE A 317 -23.94 26.17 -24.90
C ILE A 317 -24.08 24.69 -24.60
N GLU A 318 -24.09 23.87 -25.65
CA GLU A 318 -24.28 22.43 -25.50
C GLU A 318 -22.99 21.63 -25.71
N TYR A 319 -22.72 20.66 -24.82
CA TYR A 319 -21.61 19.70 -25.01
C TYR A 319 -22.13 18.28 -25.16
N TYR A 320 -22.15 17.78 -26.39
CA TYR A 320 -22.59 16.41 -26.63
C TYR A 320 -21.47 15.45 -26.30
N VAL A 321 -21.78 14.50 -25.42
CA VAL A 321 -20.76 13.59 -24.86
C VAL A 321 -21.33 12.20 -24.74
N SER A 322 -20.42 11.22 -24.79
CA SER A 322 -20.78 9.81 -24.70
C SER A 322 -19.61 8.99 -24.17
N GLY A 323 -19.89 7.79 -23.67
CA GLY A 323 -18.86 6.86 -23.23
C GLY A 323 -17.97 6.38 -24.37
N ASP A 324 -18.40 6.60 -25.61
CA ASP A 324 -17.63 6.22 -26.78
C ASP A 324 -16.34 7.02 -26.92
N LYS A 325 -16.30 8.18 -26.27
CA LYS A 325 -15.15 9.05 -26.36
C LYS A 325 -15.00 9.82 -25.06
N LEU A 326 -14.14 9.31 -24.18
CA LEU A 326 -13.98 9.87 -22.84
C LEU A 326 -13.36 11.25 -22.82
N GLU A 327 -14.15 12.23 -22.42
CA GLU A 327 -13.68 13.61 -22.28
C GLU A 327 -14.31 14.27 -21.06
N VAL A 328 -13.48 15.01 -20.34
CA VAL A 328 -13.93 15.73 -19.15
C VAL A 328 -14.56 17.06 -19.55
N VAL A 329 -15.71 17.37 -18.96
CA VAL A 329 -16.28 18.71 -19.08
C VAL A 329 -16.14 19.41 -17.73
N ASP A 330 -15.33 20.47 -17.68
CA ASP A 330 -15.26 21.35 -16.52
C ASP A 330 -16.56 22.13 -16.40
N ILE A 331 -17.03 22.30 -15.19
CA ILE A 331 -18.25 23.07 -14.95
C ILE A 331 -17.84 24.38 -14.27
N PRO A 332 -17.61 25.44 -15.05
CA PRO A 332 -17.04 26.64 -14.46
C PRO A 332 -18.06 27.33 -13.56
N VAL A 333 -17.58 28.13 -12.63
CA VAL A 333 -18.47 28.87 -11.73
C VAL A 333 -19.27 29.95 -12.48
N GLY A 334 -20.47 30.22 -11.99
CA GLY A 334 -21.31 31.26 -12.58
C GLY A 334 -22.10 30.87 -13.82
N TYR A 335 -21.99 29.62 -14.26
CA TYR A 335 -22.81 29.09 -15.35
C TYR A 335 -23.79 28.11 -14.80
N THR A 336 -25.07 28.36 -15.04
CA THR A 336 -26.06 27.34 -14.73
C THR A 336 -25.87 26.17 -15.69
N HIS A 337 -26.07 24.95 -15.19
CA HIS A 337 -25.75 23.76 -15.97
C HIS A 337 -26.67 22.61 -15.76
N ASN A 338 -27.01 21.89 -16.83
CA ASN A 338 -27.80 20.66 -16.70
C ASN A 338 -27.26 19.49 -17.52
N ILE A 339 -27.68 18.29 -17.18
CA ILE A 339 -27.21 17.08 -17.84
C ILE A 339 -28.39 16.17 -18.24
N GLU A 340 -28.41 15.78 -19.51
CA GLU A 340 -29.52 14.99 -20.04
C GLU A 340 -29.04 13.69 -20.67
N ASN A 341 -29.77 12.61 -20.42
CA ASN A 341 -29.57 11.35 -21.15
C ASN A 341 -30.37 11.36 -22.46
N LEU A 342 -29.66 11.13 -23.56
CA LEU A 342 -30.25 11.13 -24.89
C LEU A 342 -30.38 9.72 -25.44
N GLY A 343 -29.83 8.74 -24.73
CA GLY A 343 -29.75 7.36 -25.22
C GLY A 343 -30.92 6.51 -24.79
N ASP A 344 -30.99 5.30 -25.34
CA ASP A 344 -32.03 4.35 -24.94
C ASP A 344 -31.53 3.42 -23.83
N THR A 345 -30.43 3.81 -23.18
CA THR A 345 -29.92 3.16 -21.96
C THR A 345 -29.40 4.17 -20.92
N ASP A 346 -29.17 3.67 -19.72
CA ASP A 346 -28.68 4.46 -18.58
C ASP A 346 -27.40 5.24 -18.89
N MSE A 347 -27.37 6.50 -18.52
CA MSE A 347 -26.14 7.27 -18.64
C MSE A 347 -25.45 7.33 -17.31
O MSE A 347 -26.01 7.78 -16.31
CB MSE A 347 -26.47 8.67 -19.12
CG MSE A 347 -25.22 9.40 -19.60
SE MSE A 347 -25.85 11.17 -20.16
CE MSE A 347 -26.66 11.78 -18.45
N VAL A 348 -24.20 6.88 -17.28
CA VAL A 348 -23.41 6.97 -16.06
C VAL A 348 -22.30 8.00 -16.19
N THR A 349 -22.30 8.96 -15.26
CA THR A 349 -21.34 10.06 -15.27
C THR A 349 -20.54 10.12 -13.97
N ILE A 350 -19.22 10.10 -14.10
CA ILE A 350 -18.31 10.29 -12.95
C ILE A 350 -18.22 11.78 -12.66
N MSE A 351 -18.49 12.17 -11.42
CA MSE A 351 -18.51 13.60 -11.09
C MSE A 351 -17.48 13.92 -10.08
O MSE A 351 -17.54 13.42 -8.96
CB MSE A 351 -19.90 14.01 -10.63
CG MSE A 351 -20.89 13.83 -11.78
SE MSE A 351 -22.65 14.53 -11.24
CE MSE A 351 -23.44 14.99 -12.99
N TRP A 352 -16.51 14.73 -10.47
CA TRP A 352 -15.54 15.23 -9.52
C TRP A 352 -16.00 16.59 -9.07
N VAL A 353 -15.89 16.90 -7.79
CA VAL A 353 -16.27 18.21 -7.27
C VAL A 353 -15.17 18.72 -6.36
N ASN A 354 -14.94 20.03 -6.37
CA ASN A 354 -13.78 20.67 -5.71
C ASN A 354 -13.85 20.78 -4.18
N GLU A 355 -14.89 20.25 -3.59
CA GLU A 355 -15.12 20.37 -2.17
C GLU A 355 -16.11 19.31 -1.73
N MSE A 356 -16.03 18.91 -0.48
CA MSE A 356 -17.01 18.01 0.08
C MSE A 356 -18.25 18.81 0.26
O MSE A 356 -18.19 19.98 0.61
CB MSE A 356 -16.49 17.45 1.39
CG MSE A 356 -15.62 16.25 1.03
SE MSE A 356 -14.53 15.83 2.59
CE MSE A 356 -15.93 15.91 4.00
N PHE A 357 -19.38 18.19 -0.02
CA PHE A 357 -20.65 18.91 0.03
C PHE A 357 -21.05 19.19 1.49
N ASP A 358 -21.57 20.39 1.74
CA ASP A 358 -21.97 20.80 3.10
C ASP A 358 -23.38 21.37 3.05
N PRO A 359 -24.38 20.61 3.57
CA PRO A 359 -25.79 21.00 3.49
C PRO A 359 -26.12 22.38 4.10
N ASN A 360 -25.22 22.91 4.91
CA ASN A 360 -25.37 24.25 5.49
C ASN A 360 -25.05 25.34 4.49
N GLN A 361 -23.96 25.12 3.75
CA GLN A 361 -23.47 26.01 2.71
C GLN A 361 -23.41 25.25 1.39
N PRO A 362 -24.57 24.91 0.81
CA PRO A 362 -24.57 24.06 -0.39
C PRO A 362 -24.00 24.76 -1.62
N ASP A 363 -24.05 26.10 -1.65
CA ASP A 363 -23.56 26.88 -2.79
C ASP A 363 -24.11 26.35 -4.12
N THR A 364 -25.41 26.17 -4.17
CA THR A 364 -26.07 25.69 -5.37
C THR A 364 -27.46 26.32 -5.44
N TYR A 365 -27.72 27.02 -6.55
CA TYR A 365 -28.90 27.87 -6.72
C TYR A 365 -29.64 27.51 -7.99
N PHE A 366 -30.91 27.14 -7.82
CA PHE A 366 -31.72 26.69 -8.95
C PHE A 366 -31.89 27.77 -10.01
N LEU A 367 -31.62 27.41 -11.27
CA LEU A 367 -31.84 28.28 -12.43
C LEU A 367 -31.99 27.44 -13.69
N GLU A 368 -33.11 27.62 -14.39
CA GLU A 368 -33.42 26.83 -15.57
C GLU A 368 -32.51 27.09 -16.76
N VAL A 369 -32.24 26.05 -17.54
CA VAL A 369 -31.66 26.15 -18.89
C VAL A 369 -30.14 25.84 -18.92
ZN ZN B . -23.09 21.70 -10.41
C FMT C . -10.04 0.48 4.00
O1 FMT C . -10.67 0.46 2.94
O2 FMT C . -10.48 -0.14 5.12
C FMT D . -8.35 10.75 -5.71
O1 FMT D . -7.47 11.26 -6.39
O2 FMT D . -9.11 11.53 -4.94
#